data_1MCB
#
_entry.id   1MCB
#
_cell.length_a   72.300
_cell.length_b   72.300
_cell.length_c   185.900
_cell.angle_alpha   90.00
_cell.angle_beta   90.00
_cell.angle_gamma   120.00
#
_symmetry.space_group_name_H-M   'P 31 2 1'
#
loop_
_entity.id
_entity.type
_entity.pdbx_description
1 polymer 'IMMUNOGLOBULIN LAMBDA DIMER MCG (LIGHT CHAIN)'
2 polymer 'PEPTIDE N-ACETYL-L-GLN-D-PHE-L-HIS-D-PRO-OH'
#
loop_
_entity_poly.entity_id
_entity_poly.type
_entity_poly.pdbx_seq_one_letter_code
_entity_poly.pdbx_strand_id
1 'polypeptide(L)'
;PSALTQPPSASGSLGQSVTISCTGTSSDVGGYNYVSWYQQHAGKAPKVIIYEVNKRPSGVPDRFSGSKSGNTASLTVSGL
QAEDEADYYCSSYEGSDNFVFGTGTKVTVLGQPKANPTVTLFPPSSEELQANKATLVCLISDFYPGAVTVAWKADGSPVK
AGVETTKPSKQSNNKYAASSYLSLTPEQWKSHRSYSCQVTHEGSTVEKTVAPTECS
;
A,B
2 'polypeptide(L)' (ACE)Q(DPN)(DHI)(DPR) P
#
# COMPACT_ATOMS: atom_id res chain seq x y z
N PRO A 1 5.13 -5.82 -29.02
CA PRO A 1 4.01 -6.56 -29.57
C PRO A 1 2.94 -6.82 -28.51
N SER A 2 1.97 -7.61 -28.88
CA SER A 2 0.80 -8.06 -28.20
C SER A 2 0.98 -8.79 -26.88
N ALA A 3 -0.17 -9.09 -26.24
CA ALA A 3 -0.25 -9.62 -24.87
C ALA A 3 -1.20 -10.79 -24.71
N LEU A 4 -1.54 -11.09 -23.44
CA LEU A 4 -2.55 -12.18 -23.21
C LEU A 4 -3.92 -11.60 -22.92
N THR A 5 -4.98 -12.30 -23.34
CA THR A 5 -6.32 -11.72 -23.42
C THR A 5 -7.20 -12.08 -22.22
N GLN A 6 -7.39 -11.04 -21.41
CA GLN A 6 -8.22 -11.11 -20.20
C GLN A 6 -9.20 -9.88 -20.17
N PRO A 7 -10.47 -10.27 -20.21
CA PRO A 7 -11.53 -9.71 -19.38
C PRO A 7 -11.18 -8.81 -18.22
N PRO A 8 -11.84 -7.66 -18.22
CA PRO A 8 -11.91 -6.76 -17.05
C PRO A 8 -13.22 -7.12 -16.32
N SER A 9 -13.06 -7.49 -15.08
CA SER A 9 -14.17 -7.79 -14.18
C SER A 9 -14.61 -9.26 -14.37
N ALA A 10 -14.97 -9.76 -13.20
CA ALA A 10 -15.24 -11.22 -13.02
C ALA A 10 -15.49 -11.31 -11.50
N SER A 11 -16.76 -11.07 -11.22
CA SER A 11 -17.26 -11.02 -9.85
C SER A 11 -18.01 -12.33 -9.57
N GLY A 12 -17.58 -13.00 -8.51
CA GLY A 12 -18.46 -14.16 -8.09
C GLY A 12 -19.29 -13.62 -6.91
N SER A 13 -20.38 -14.31 -6.62
CA SER A 13 -21.09 -14.12 -5.33
C SER A 13 -20.18 -14.71 -4.22
N LEU A 14 -20.16 -13.96 -3.13
CA LEU A 14 -19.39 -14.33 -1.92
C LEU A 14 -19.72 -15.79 -1.63
N GLY A 15 -18.67 -16.55 -1.38
CA GLY A 15 -18.87 -17.98 -1.07
C GLY A 15 -18.79 -18.87 -2.30
N GLN A 16 -19.29 -18.39 -3.44
CA GLN A 16 -19.28 -19.18 -4.69
C GLN A 16 -17.87 -19.18 -5.32
N SER A 17 -17.86 -18.95 -6.63
CA SER A 17 -16.68 -19.05 -7.45
C SER A 17 -16.65 -17.95 -8.53
N VAL A 18 -15.42 -17.81 -9.00
CA VAL A 18 -15.06 -16.90 -10.10
C VAL A 18 -13.93 -17.64 -10.85
N THR A 19 -14.08 -17.64 -12.17
CA THR A 19 -12.99 -18.14 -13.01
C THR A 19 -12.46 -16.99 -13.84
N ILE A 20 -11.15 -16.88 -13.91
CA ILE A 20 -10.49 -15.97 -14.84
C ILE A 20 -9.71 -16.77 -15.89
N SER A 21 -10.09 -16.54 -17.14
CA SER A 21 -9.38 -17.04 -18.32
C SER A 21 -8.23 -16.11 -18.71
N CYS A 22 -7.30 -16.66 -19.47
CA CYS A 22 -6.16 -15.92 -20.09
C CYS A 22 -5.93 -16.58 -21.45
N THR A 23 -6.37 -15.89 -22.52
CA THR A 23 -6.25 -16.47 -23.89
C THR A 23 -5.12 -15.83 -24.68
N GLY A 24 -4.21 -16.67 -25.17
CA GLY A 24 -3.01 -16.32 -25.91
C GLY A 24 -2.86 -17.03 -27.26
N THR A 25 -1.64 -17.42 -27.59
CA THR A 25 -1.24 -17.94 -28.90
C THR A 25 -0.67 -19.36 -28.84
N SER A 26 -0.45 -19.90 -30.03
CA SER A 26 0.21 -21.19 -30.25
C SER A 26 1.68 -21.13 -29.79
N SER A 27 2.27 -19.96 -29.99
CA SER A 27 3.59 -19.63 -29.48
C SER A 27 3.68 -19.37 -27.98
N ASP A 28 2.58 -19.23 -27.24
CA ASP A 28 2.78 -18.88 -25.80
C ASP A 28 2.03 -19.86 -24.92
N VAL A 29 0.82 -19.46 -24.54
CA VAL A 29 -0.02 -20.27 -23.61
C VAL A 29 -0.26 -21.63 -24.25
N GLY A 30 -0.43 -21.57 -25.57
CA GLY A 30 -0.70 -22.72 -26.42
C GLY A 30 0.47 -23.62 -26.70
N GLY A 31 1.70 -23.19 -26.38
CA GLY A 31 2.87 -23.97 -26.56
C GLY A 31 3.75 -24.37 -25.45
N TYR A 32 3.43 -24.24 -24.18
CA TYR A 32 4.26 -24.54 -23.02
C TYR A 32 3.37 -24.70 -21.77
N ASN A 33 3.93 -25.38 -20.77
CA ASN A 33 3.20 -25.58 -19.49
C ASN A 33 3.76 -24.65 -18.42
N TYR A 34 4.03 -23.44 -18.85
CA TYR A 34 4.55 -22.32 -18.07
C TYR A 34 3.49 -21.20 -18.22
N VAL A 35 2.51 -21.31 -17.36
CA VAL A 35 1.43 -20.33 -17.25
C VAL A 35 1.41 -19.98 -15.74
N SER A 36 1.57 -18.68 -15.58
CA SER A 36 1.72 -18.12 -14.22
C SER A 36 0.57 -17.15 -13.97
N TRP A 37 -0.04 -17.38 -12.85
CA TRP A 37 -1.13 -16.52 -12.37
C TRP A 37 -0.60 -15.75 -11.14
N TYR A 38 -0.90 -14.46 -11.16
CA TYR A 38 -0.59 -13.57 -10.07
C TYR A 38 -1.86 -12.85 -9.55
N GLN A 39 -1.75 -12.59 -8.26
CA GLN A 39 -2.70 -11.76 -7.53
C GLN A 39 -2.33 -10.28 -7.71
N GLN A 40 -1.84 -9.65 -6.65
CA GLN A 40 -1.65 -8.21 -6.58
C GLN A 40 -2.95 -7.47 -6.19
N HIS A 41 -2.97 -7.17 -4.90
CA HIS A 41 -4.03 -6.43 -4.24
C HIS A 41 -3.68 -4.94 -4.41
N ALA A 42 -4.75 -4.19 -4.55
CA ALA A 42 -4.72 -2.73 -4.64
C ALA A 42 -3.58 -2.17 -3.80
N GLY A 43 -2.62 -1.56 -4.47
CA GLY A 43 -1.48 -0.93 -3.87
C GLY A 43 -0.37 -1.79 -3.39
N LYS A 44 -0.57 -3.06 -3.06
CA LYS A 44 0.51 -3.97 -2.64
C LYS A 44 1.26 -4.57 -3.81
N ALA A 45 2.14 -5.51 -3.52
CA ALA A 45 2.97 -6.22 -4.51
C ALA A 45 2.25 -7.39 -5.18
N PRO A 46 2.63 -7.60 -6.42
CA PRO A 46 2.22 -8.81 -7.18
C PRO A 46 2.67 -10.05 -6.43
N LYS A 47 1.82 -11.05 -6.46
CA LYS A 47 2.03 -12.30 -5.68
C LYS A 47 1.71 -13.47 -6.60
N VAL A 48 2.62 -14.40 -6.73
CA VAL A 48 2.40 -15.59 -7.57
C VAL A 48 1.48 -16.50 -6.76
N ILE A 49 0.33 -16.82 -7.33
CA ILE A 49 -0.54 -17.79 -6.61
C ILE A 49 -0.56 -19.12 -7.37
N ILE A 50 0.02 -19.08 -8.55
CA ILE A 50 0.09 -20.22 -9.46
C ILE A 50 1.26 -20.08 -10.43
N TYR A 51 2.12 -21.10 -10.38
CA TYR A 51 3.18 -21.29 -11.40
C TYR A 51 2.88 -22.59 -12.16
N GLU A 52 3.54 -22.73 -13.28
CA GLU A 52 3.46 -23.92 -14.11
C GLU A 52 2.07 -24.51 -14.20
N VAL A 53 1.17 -23.67 -14.72
CA VAL A 53 -0.18 -24.10 -15.10
C VAL A 53 -1.08 -24.43 -13.94
N ASN A 54 -0.70 -25.38 -13.11
CA ASN A 54 -1.57 -25.89 -12.05
C ASN A 54 -0.85 -26.13 -10.73
N LYS A 55 0.24 -25.46 -10.50
CA LYS A 55 1.05 -25.64 -9.31
C LYS A 55 0.93 -24.40 -8.42
N ARG A 56 0.53 -24.60 -7.18
CA ARG A 56 0.50 -23.51 -6.19
C ARG A 56 1.79 -23.46 -5.39
N PRO A 57 2.14 -22.23 -5.03
CA PRO A 57 3.13 -22.01 -3.94
C PRO A 57 2.60 -22.58 -2.64
N SER A 58 3.52 -22.94 -1.75
CA SER A 58 3.23 -23.74 -0.56
C SER A 58 1.99 -23.29 0.20
N GLY A 59 2.03 -22.12 0.79
CA GLY A 59 0.91 -21.58 1.57
C GLY A 59 0.00 -20.74 0.69
N VAL A 60 -0.42 -21.33 -0.44
CA VAL A 60 -1.43 -20.59 -1.27
C VAL A 60 -2.78 -21.21 -1.02
N PRO A 61 -3.84 -20.42 -1.15
CA PRO A 61 -5.21 -20.90 -0.95
C PRO A 61 -5.47 -22.20 -1.68
N ASP A 62 -5.67 -23.24 -0.89
CA ASP A 62 -6.02 -24.60 -1.27
C ASP A 62 -7.07 -24.74 -2.34
N ARG A 63 -7.69 -23.67 -2.80
CA ARG A 63 -8.75 -23.75 -3.83
C ARG A 63 -8.69 -22.52 -4.76
N PHE A 64 -7.44 -22.26 -5.10
CA PHE A 64 -7.00 -21.40 -6.21
C PHE A 64 -6.58 -22.42 -7.28
N SER A 65 -7.24 -22.45 -8.40
CA SER A 65 -7.12 -23.62 -9.31
C SER A 65 -6.65 -23.21 -10.68
N GLY A 66 -5.74 -24.01 -11.24
CA GLY A 66 -5.12 -23.68 -12.54
C GLY A 66 -5.46 -24.73 -13.58
N SER A 67 -5.68 -24.23 -14.80
CA SER A 67 -6.09 -25.13 -15.90
C SER A 67 -5.88 -24.57 -17.30
N LYS A 68 -4.98 -25.20 -18.03
CA LYS A 68 -4.80 -24.90 -19.47
C LYS A 68 -5.72 -25.80 -20.30
N SER A 69 -6.20 -25.23 -21.38
CA SER A 69 -6.99 -25.97 -22.39
C SER A 69 -6.14 -25.90 -23.66
N GLY A 70 -6.41 -24.92 -24.49
CA GLY A 70 -5.51 -24.69 -25.66
C GLY A 70 -4.69 -23.47 -25.16
N ASN A 71 -4.85 -22.46 -25.97
CA ASN A 71 -4.36 -21.11 -25.75
C ASN A 71 -5.13 -20.43 -24.63
N THR A 72 -5.79 -21.21 -23.79
CA THR A 72 -6.60 -20.67 -22.68
C THR A 72 -6.21 -21.28 -21.35
N ALA A 73 -5.61 -20.45 -20.49
CA ALA A 73 -5.40 -20.89 -19.07
C ALA A 73 -6.49 -20.27 -18.20
N SER A 74 -6.83 -20.95 -17.11
CA SER A 74 -7.97 -20.61 -16.27
C SER A 74 -7.64 -20.79 -14.79
N LEU A 75 -7.94 -19.74 -14.07
CA LEU A 75 -7.81 -19.69 -12.59
C LEU A 75 -9.25 -19.73 -12.05
N THR A 76 -9.50 -20.71 -11.23
CA THR A 76 -10.77 -20.80 -10.50
C THR A 76 -10.48 -20.43 -9.04
N VAL A 77 -11.11 -19.36 -8.60
CA VAL A 77 -11.18 -19.05 -7.17
C VAL A 77 -12.51 -19.73 -6.74
N SER A 78 -12.31 -20.58 -5.76
CA SER A 78 -13.48 -21.25 -5.11
C SER A 78 -13.53 -20.71 -3.69
N GLY A 79 -14.73 -20.72 -3.15
CA GLY A 79 -14.93 -20.28 -1.73
C GLY A 79 -14.61 -18.77 -1.66
N LEU A 80 -15.34 -18.04 -2.50
CA LEU A 80 -15.05 -16.61 -2.66
C LEU A 80 -15.02 -15.87 -1.33
N GLN A 81 -13.80 -15.63 -0.92
CA GLN A 81 -13.33 -14.85 0.21
C GLN A 81 -13.38 -13.36 -0.14
N ALA A 82 -13.69 -12.50 0.80
CA ALA A 82 -13.75 -11.04 0.57
C ALA A 82 -12.36 -10.54 0.17
N GLU A 83 -11.41 -11.12 0.88
CA GLU A 83 -9.98 -10.79 0.72
C GLU A 83 -9.51 -11.12 -0.69
N ASP A 84 -10.34 -11.86 -1.44
CA ASP A 84 -9.99 -12.18 -2.83
C ASP A 84 -10.13 -10.97 -3.76
N GLU A 85 -10.80 -9.92 -3.32
CA GLU A 85 -10.89 -8.70 -4.19
C GLU A 85 -9.46 -8.32 -4.56
N ALA A 86 -9.12 -8.38 -5.84
CA ALA A 86 -7.81 -7.97 -6.35
C ALA A 86 -7.71 -8.00 -7.87
N ASP A 87 -6.52 -7.59 -8.36
CA ASP A 87 -6.27 -7.72 -9.82
C ASP A 87 -5.59 -9.10 -10.00
N TYR A 88 -5.85 -9.65 -11.17
CA TYR A 88 -5.25 -11.01 -11.42
C TYR A 88 -4.64 -10.92 -12.81
N TYR A 89 -3.34 -11.20 -12.85
CA TYR A 89 -2.60 -11.17 -14.15
C TYR A 89 -2.05 -12.56 -14.45
N CYS A 90 -2.12 -12.94 -15.72
CA CYS A 90 -1.52 -14.20 -16.20
C CYS A 90 -0.21 -13.87 -16.92
N SER A 91 0.59 -14.90 -17.15
CA SER A 91 1.80 -14.74 -17.99
C SER A 91 2.20 -16.11 -18.56
N SER A 92 3.01 -16.01 -19.61
CA SER A 92 3.45 -17.22 -20.34
C SER A 92 4.88 -17.07 -20.83
N TYR A 93 5.68 -18.14 -20.80
CA TYR A 93 6.91 -18.15 -21.65
C TYR A 93 6.44 -17.89 -23.10
N GLU A 94 7.38 -17.50 -23.91
CA GLU A 94 7.05 -16.99 -25.29
C GLU A 94 8.40 -16.97 -26.00
N GLY A 95 8.85 -18.19 -26.28
CA GLY A 95 10.09 -18.49 -26.95
C GLY A 95 11.31 -17.88 -26.26
N SER A 96 12.42 -17.96 -26.98
CA SER A 96 13.72 -17.51 -26.55
C SER A 96 13.69 -16.45 -25.46
N ASP A 97 13.70 -16.93 -24.23
CA ASP A 97 13.67 -16.17 -23.00
C ASP A 97 12.68 -15.02 -22.88
N ASN A 98 11.53 -15.01 -23.54
CA ASN A 98 10.55 -13.92 -23.26
C ASN A 98 9.50 -14.46 -22.27
N PHE A 99 8.51 -13.64 -22.04
CA PHE A 99 7.51 -13.85 -20.97
C PHE A 99 6.44 -12.76 -21.20
N VAL A 100 5.29 -13.17 -21.62
CA VAL A 100 4.25 -12.14 -21.97
C VAL A 100 3.25 -12.13 -20.84
N PHE A 101 2.55 -11.03 -20.67
CA PHE A 101 1.61 -10.82 -19.55
C PHE A 101 0.21 -10.51 -20.08
N GLY A 102 -0.75 -10.96 -19.28
CA GLY A 102 -2.17 -10.80 -19.57
C GLY A 102 -2.59 -9.39 -19.13
N THR A 103 -3.59 -8.90 -19.84
CA THR A 103 -4.12 -7.56 -19.68
C THR A 103 -4.49 -7.28 -18.23
N GLY A 104 -5.02 -8.30 -17.58
CA GLY A 104 -5.33 -8.25 -16.14
C GLY A 104 -6.83 -8.20 -15.92
N THR A 105 -7.29 -8.90 -14.90
CA THR A 105 -8.68 -8.94 -14.48
C THR A 105 -8.81 -8.03 -13.24
N LYS A 106 -10.01 -7.54 -13.05
CA LYS A 106 -10.41 -7.08 -11.71
C LYS A 106 -11.49 -8.10 -11.30
N VAL A 107 -11.26 -8.62 -10.10
CA VAL A 107 -12.20 -9.60 -9.54
C VAL A 107 -12.92 -8.91 -8.37
N THR A 108 -14.22 -9.16 -8.39
CA THR A 108 -15.02 -8.61 -7.24
C THR A 108 -15.74 -9.77 -6.55
N VAL A 109 -16.12 -9.47 -5.32
CA VAL A 109 -16.79 -10.42 -4.43
C VAL A 109 -18.18 -9.84 -4.09
N LEU A 110 -19.09 -10.18 -4.97
CA LEU A 110 -20.49 -9.75 -4.83
C LEU A 110 -21.10 -10.28 -3.54
N GLY A 111 -21.58 -9.33 -2.75
CA GLY A 111 -22.47 -9.59 -1.62
C GLY A 111 -21.79 -9.31 -0.29
N GLN A 112 -20.88 -8.35 -0.32
CA GLN A 112 -20.12 -8.02 0.91
C GLN A 112 -21.06 -7.09 1.71
N PRO A 113 -21.09 -7.35 3.00
CA PRO A 113 -21.88 -6.56 3.93
C PRO A 113 -21.30 -5.18 4.21
N LYS A 114 -22.24 -4.25 4.24
CA LYS A 114 -22.06 -2.87 4.65
C LYS A 114 -21.48 -2.81 6.06
N ALA A 115 -20.76 -1.74 6.29
CA ALA A 115 -20.15 -1.48 7.61
C ALA A 115 -20.04 0.03 7.73
N ASN A 116 -20.66 0.56 8.76
CA ASN A 116 -20.60 2.02 9.02
C ASN A 116 -19.27 2.25 9.77
N PRO A 117 -18.71 3.42 9.59
CA PRO A 117 -17.31 3.67 9.95
C PRO A 117 -17.14 3.88 11.45
N THR A 118 -16.00 3.45 11.94
CA THR A 118 -15.56 3.89 13.31
C THR A 118 -14.96 5.27 13.10
N VAL A 119 -15.29 6.20 13.96
CA VAL A 119 -14.76 7.57 13.86
C VAL A 119 -14.01 7.83 15.16
N THR A 120 -12.69 7.88 15.04
CA THR A 120 -11.84 8.24 16.19
C THR A 120 -11.32 9.66 15.97
N LEU A 121 -11.63 10.53 16.91
CA LEU A 121 -11.15 11.93 16.83
C LEU A 121 -10.03 12.08 17.87
N PHE A 122 -8.96 12.68 17.39
CA PHE A 122 -7.80 12.94 18.26
C PHE A 122 -7.48 14.44 18.32
N PRO A 123 -7.21 14.92 19.51
CA PRO A 123 -6.79 16.31 19.74
C PRO A 123 -5.31 16.51 19.55
N PRO A 124 -4.93 17.77 19.41
CA PRO A 124 -3.53 18.21 19.46
C PRO A 124 -2.72 17.40 20.45
N SER A 125 -1.74 16.70 19.88
CA SER A 125 -0.77 15.95 20.70
C SER A 125 -0.06 16.90 21.68
N SER A 126 0.41 16.27 22.73
CA SER A 126 1.09 16.91 23.86
C SER A 126 2.31 17.67 23.31
N GLU A 127 3.10 16.83 22.67
CA GLU A 127 4.41 17.12 22.09
C GLU A 127 4.34 18.29 21.12
N GLU A 128 3.52 18.04 20.10
CA GLU A 128 3.33 18.95 18.95
C GLU A 128 3.01 20.35 19.47
N LEU A 129 2.27 20.27 20.59
CA LEU A 129 1.89 21.56 21.23
C LEU A 129 3.18 22.26 21.68
N GLN A 130 4.07 21.47 22.29
CA GLN A 130 5.37 22.11 22.68
C GLN A 130 5.90 22.88 21.44
N ALA A 131 5.93 22.14 20.34
CA ALA A 131 6.55 22.69 19.11
C ALA A 131 5.71 23.77 18.48
N ASN A 132 4.67 24.18 19.18
CA ASN A 132 3.74 25.22 18.81
C ASN A 132 2.81 24.98 17.63
N LYS A 133 2.42 23.77 17.34
CA LYS A 133 1.44 23.49 16.27
C LYS A 133 0.25 22.77 16.88
N ALA A 134 -0.89 22.78 16.18
CA ALA A 134 -2.00 21.88 16.60
C ALA A 134 -2.55 21.22 15.34
N THR A 135 -2.71 19.93 15.35
CA THR A 135 -3.34 19.21 14.21
C THR A 135 -4.35 18.21 14.77
N LEU A 136 -5.62 18.38 14.41
CA LEU A 136 -6.62 17.35 14.77
C LEU A 136 -6.60 16.28 13.64
N VAL A 137 -6.69 15.03 14.05
CA VAL A 137 -6.99 13.94 13.12
C VAL A 137 -8.40 13.38 13.42
N CYS A 138 -9.09 13.13 12.33
CA CYS A 138 -10.34 12.36 12.30
C CYS A 138 -9.97 11.08 11.54
N LEU A 139 -9.93 9.99 12.26
CA LEU A 139 -9.71 8.66 11.69
C LEU A 139 -11.08 8.04 11.39
N ILE A 140 -11.27 7.70 10.15
CA ILE A 140 -12.46 7.03 9.64
C ILE A 140 -12.07 5.61 9.24
N SER A 141 -12.38 4.63 10.05
CA SER A 141 -11.85 3.27 9.80
C SER A 141 -12.95 2.23 9.71
N ASP A 142 -12.58 1.15 9.04
CA ASP A 142 -13.38 -0.07 8.96
C ASP A 142 -14.72 0.03 8.29
N PHE A 143 -14.97 1.05 7.50
CA PHE A 143 -16.23 1.18 6.75
C PHE A 143 -16.20 0.32 5.48
N TYR A 144 -17.39 0.05 4.97
CA TYR A 144 -17.63 -0.62 3.70
C TYR A 144 -19.02 -0.24 3.22
N PRO A 145 -19.23 0.05 1.95
CA PRO A 145 -18.25 0.27 0.89
C PRO A 145 -17.52 1.60 0.93
N GLY A 146 -16.62 1.79 -0.03
CA GLY A 146 -15.61 2.82 -0.02
C GLY A 146 -16.01 4.22 -0.39
N ALA A 147 -16.84 4.85 0.43
CA ALA A 147 -17.27 6.23 0.25
C ALA A 147 -17.71 6.84 1.58
N VAL A 148 -17.18 8.03 1.83
CA VAL A 148 -17.51 8.78 3.06
C VAL A 148 -17.58 10.29 2.75
N THR A 149 -18.26 11.01 3.62
CA THR A 149 -18.20 12.49 3.61
C THR A 149 -17.77 12.96 5.00
N VAL A 150 -16.65 13.63 5.05
CA VAL A 150 -16.11 14.25 6.26
C VAL A 150 -16.39 15.76 6.10
N ALA A 151 -17.06 16.29 7.09
CA ALA A 151 -17.12 17.78 7.20
C ALA A 151 -16.75 18.09 8.64
N TRP A 152 -16.02 19.16 8.86
CA TRP A 152 -15.65 19.57 10.22
C TRP A 152 -16.45 20.84 10.66
N LYS A 153 -16.46 20.95 11.99
CA LYS A 153 -17.13 22.07 12.65
C LYS A 153 -16.28 22.65 13.78
N ALA A 154 -16.51 23.93 13.98
CA ALA A 154 -16.02 24.69 15.16
C ALA A 154 -17.26 25.31 15.81
N ASP A 155 -17.56 24.79 16.98
CA ASP A 155 -18.81 25.24 17.67
C ASP A 155 -19.94 25.32 16.65
N GLY A 156 -20.31 24.17 16.14
CA GLY A 156 -21.41 23.97 15.21
C GLY A 156 -21.36 24.88 14.00
N SER A 157 -20.16 25.15 13.51
CA SER A 157 -20.02 25.95 12.26
C SER A 157 -18.92 25.39 11.39
N PRO A 158 -19.30 25.13 10.13
CA PRO A 158 -18.39 24.59 9.12
C PRO A 158 -17.01 25.20 9.13
N VAL A 159 -16.00 24.33 8.96
CA VAL A 159 -14.64 24.86 8.68
C VAL A 159 -14.23 24.24 7.34
N LYS A 160 -13.98 25.15 6.42
CA LYS A 160 -13.50 24.82 5.08
C LYS A 160 -11.99 25.03 5.02
N ALA A 161 -11.49 25.56 6.13
CA ALA A 161 -10.08 25.96 6.21
C ALA A 161 -9.31 24.83 6.87
N GLY A 162 -8.14 24.60 6.29
CA GLY A 162 -7.10 23.76 6.84
C GLY A 162 -7.57 22.36 7.16
N VAL A 163 -8.55 21.89 6.42
CA VAL A 163 -8.99 20.49 6.51
C VAL A 163 -8.45 19.85 5.23
N GLU A 164 -8.08 18.61 5.37
CA GLU A 164 -7.62 17.84 4.18
C GLU A 164 -7.99 16.39 4.42
N THR A 165 -8.54 15.76 3.40
CA THR A 165 -9.16 14.44 3.57
C THR A 165 -8.66 13.45 2.55
N THR A 166 -7.95 12.45 3.03
CA THR A 166 -7.46 11.33 2.23
C THR A 166 -8.62 10.57 1.58
N LYS A 167 -8.39 10.17 0.35
CA LYS A 167 -9.35 9.20 -0.29
C LYS A 167 -9.22 7.96 0.58
N PRO A 168 -10.25 7.13 0.60
CA PRO A 168 -10.27 5.88 1.36
C PRO A 168 -9.45 4.78 0.72
N SER A 169 -8.78 3.97 1.53
CA SER A 169 -8.03 2.82 1.00
C SER A 169 -8.39 1.56 1.79
N LYS A 170 -8.46 0.45 1.07
CA LYS A 170 -8.82 -0.86 1.64
C LYS A 170 -7.79 -1.26 2.70
N GLN A 171 -8.24 -1.98 3.70
CA GLN A 171 -7.41 -2.49 4.78
C GLN A 171 -7.44 -4.03 4.69
N SER A 172 -6.52 -4.65 5.38
CA SER A 172 -6.34 -6.10 5.40
C SER A 172 -7.60 -6.87 5.73
N ASN A 173 -8.66 -6.18 6.03
CA ASN A 173 -9.97 -6.81 6.34
C ASN A 173 -10.94 -6.33 5.27
N ASN A 174 -10.41 -6.09 4.10
CA ASN A 174 -11.01 -5.49 2.94
C ASN A 174 -12.08 -4.43 3.16
N LYS A 175 -12.25 -3.93 4.36
CA LYS A 175 -13.05 -2.68 4.61
C LYS A 175 -12.07 -1.53 4.41
N TYR A 176 -12.47 -0.29 4.53
CA TYR A 176 -11.66 0.87 4.24
C TYR A 176 -11.30 1.74 5.44
N ALA A 177 -10.16 2.42 5.30
CA ALA A 177 -9.77 3.47 6.25
C ALA A 177 -9.56 4.78 5.47
N ALA A 178 -9.62 5.88 6.16
CA ALA A 178 -9.45 7.22 5.62
C ALA A 178 -9.26 8.22 6.78
N SER A 179 -8.71 9.39 6.49
CA SER A 179 -8.46 10.40 7.52
C SER A 179 -8.74 11.81 6.99
N SER A 180 -9.07 12.67 7.96
CA SER A 180 -9.27 14.12 7.69
C SER A 180 -8.45 14.82 8.78
N TYR A 181 -7.75 15.86 8.39
CA TYR A 181 -6.94 16.60 9.40
C TYR A 181 -7.18 18.10 9.22
N LEU A 182 -7.01 18.74 10.35
CA LEU A 182 -7.30 20.21 10.43
C LEU A 182 -6.07 20.77 11.16
N SER A 183 -5.42 21.68 10.48
CA SER A 183 -4.23 22.35 11.06
C SER A 183 -4.74 23.60 11.77
N LEU A 184 -4.37 23.79 13.01
CA LEU A 184 -4.69 25.01 13.74
C LEU A 184 -3.49 25.56 14.53
N THR A 185 -3.66 26.84 14.88
CA THR A 185 -2.80 27.45 15.92
C THR A 185 -3.38 27.05 17.28
N PRO A 186 -2.48 26.97 18.25
CA PRO A 186 -2.88 26.60 19.63
C PRO A 186 -3.86 27.66 20.10
N GLU A 187 -3.70 28.84 19.51
CA GLU A 187 -4.64 29.95 19.72
C GLU A 187 -6.04 29.51 19.30
N GLN A 188 -6.15 29.10 18.04
CA GLN A 188 -7.43 28.59 17.50
C GLN A 188 -7.97 27.53 18.46
N TRP A 189 -7.24 26.44 18.62
CA TRP A 189 -7.68 25.32 19.49
C TRP A 189 -8.14 25.80 20.84
N LYS A 190 -7.32 26.53 21.55
CA LYS A 190 -7.58 26.97 22.93
C LYS A 190 -8.61 28.07 23.03
N SER A 191 -9.04 28.61 21.88
CA SER A 191 -10.06 29.66 21.86
C SER A 191 -11.39 29.21 21.32
N HIS A 192 -11.53 27.94 20.97
CA HIS A 192 -12.83 27.42 20.46
C HIS A 192 -13.29 26.21 21.26
N ARG A 193 -14.55 26.22 21.68
CA ARG A 193 -15.08 25.31 22.68
C ARG A 193 -15.00 23.83 22.34
N SER A 194 -15.30 23.54 21.09
CA SER A 194 -15.30 22.15 20.59
C SER A 194 -15.10 22.17 19.07
N TYR A 195 -14.21 21.29 18.66
CA TYR A 195 -14.13 20.99 17.19
C TYR A 195 -14.83 19.66 16.97
N SER A 196 -15.59 19.56 15.89
CA SER A 196 -16.29 18.33 15.54
C SER A 196 -15.86 17.81 14.16
N CYS A 197 -15.84 16.48 14.09
CA CYS A 197 -15.65 15.75 12.84
C CYS A 197 -16.98 15.04 12.53
N GLN A 198 -17.51 15.34 11.38
CA GLN A 198 -18.84 14.82 10.99
C GLN A 198 -18.69 13.88 9.80
N VAL A 199 -18.69 12.59 10.09
CA VAL A 199 -18.54 11.55 9.06
C VAL A 199 -19.91 10.94 8.70
N THR A 200 -20.26 11.19 7.46
CA THR A 200 -21.48 10.78 6.80
C THR A 200 -21.16 9.61 5.85
N HIS A 201 -21.97 8.60 5.93
CA HIS A 201 -21.76 7.33 5.22
C HIS A 201 -23.12 6.65 5.11
N GLU A 202 -23.48 6.33 3.88
CA GLU A 202 -24.70 5.57 3.58
C GLU A 202 -25.94 6.09 4.24
N GLY A 203 -25.99 7.39 4.43
CA GLY A 203 -27.22 8.08 4.88
C GLY A 203 -27.13 8.32 6.37
N SER A 204 -26.26 7.52 6.98
CA SER A 204 -25.95 7.65 8.41
C SER A 204 -24.91 8.77 8.53
N THR A 205 -24.93 9.40 9.67
CA THR A 205 -24.02 10.49 10.03
C THR A 205 -23.64 10.24 11.49
N VAL A 206 -22.36 10.10 11.67
CA VAL A 206 -21.84 9.95 13.06
C VAL A 206 -20.92 11.17 13.15
N GLU A 207 -20.97 11.77 14.29
CA GLU A 207 -20.24 13.01 14.55
C GLU A 207 -19.52 12.83 15.87
N LYS A 208 -18.23 13.10 15.84
CA LYS A 208 -17.42 13.07 17.08
C LYS A 208 -16.96 14.48 17.40
N THR A 209 -16.87 14.77 18.67
CA THR A 209 -16.46 16.10 19.15
C THR A 209 -15.14 15.97 19.88
N VAL A 210 -14.53 17.11 20.14
CA VAL A 210 -13.32 17.15 21.03
C VAL A 210 -13.24 18.56 21.60
N ALA A 211 -12.86 18.62 22.86
CA ALA A 211 -12.69 19.88 23.59
C ALA A 211 -11.26 20.02 24.14
N PRO A 212 -10.81 21.28 24.22
CA PRO A 212 -9.51 21.60 24.86
C PRO A 212 -9.74 21.44 26.36
N THR A 213 -9.97 20.20 26.72
CA THR A 213 -10.32 19.74 28.07
C THR A 213 -9.64 18.36 28.10
N GLU A 214 -8.36 18.48 28.27
CA GLU A 214 -7.40 17.41 28.42
C GLU A 214 -6.39 18.03 29.42
N CYS A 215 -6.35 17.37 30.54
CA CYS A 215 -5.33 17.68 31.57
C CYS A 215 -4.09 18.19 30.86
N SER A 216 -3.66 19.39 31.20
CA SER A 216 -2.31 19.87 30.93
C SER A 216 -2.33 21.39 30.72
N PRO B 1 8.76 -17.04 0.52
CA PRO B 1 8.19 -15.71 0.68
C PRO B 1 9.08 -14.81 1.53
N SER B 2 8.51 -13.64 1.74
CA SER B 2 9.10 -12.48 2.41
C SER B 2 8.76 -11.33 1.43
N ALA B 3 9.31 -10.20 1.68
CA ALA B 3 9.26 -9.08 0.70
C ALA B 3 10.72 -8.65 0.62
N LEU B 4 11.11 -8.16 -0.52
CA LEU B 4 12.50 -7.72 -0.73
C LEU B 4 12.43 -6.21 -0.53
N THR B 5 13.37 -5.72 0.25
CA THR B 5 13.42 -4.28 0.55
C THR B 5 13.65 -3.47 -0.70
N GLN B 6 12.66 -2.69 -1.11
CA GLN B 6 12.93 -1.61 -2.10
C GLN B 6 12.77 -0.28 -1.36
N PRO B 7 13.27 0.79 -1.95
CA PRO B 7 12.98 2.15 -1.47
C PRO B 7 11.57 2.56 -1.87
N PRO B 8 10.93 3.35 -1.00
CA PRO B 8 9.62 3.93 -1.25
C PRO B 8 9.48 4.69 -2.53
N SER B 9 9.98 5.91 -2.63
CA SER B 9 9.99 6.66 -3.90
C SER B 9 11.44 6.73 -4.43
N ALA B 10 11.52 6.94 -5.73
CA ALA B 10 12.80 7.08 -6.44
C ALA B 10 12.56 7.99 -7.65
N SER B 11 12.92 9.26 -7.43
CA SER B 11 12.52 10.34 -8.33
C SER B 11 13.74 11.03 -8.93
N GLY B 12 13.52 11.51 -10.14
CA GLY B 12 14.52 12.25 -10.88
C GLY B 12 13.87 13.31 -11.76
N SER B 13 14.68 14.32 -11.99
CA SER B 13 14.39 15.34 -13.02
C SER B 13 14.59 14.66 -14.38
N LEU B 14 13.71 15.05 -15.31
CA LEU B 14 13.77 14.51 -16.69
C LEU B 14 15.20 14.66 -17.18
N GLY B 15 15.89 13.54 -17.33
CA GLY B 15 17.27 13.55 -17.83
C GLY B 15 18.22 12.75 -16.97
N GLN B 16 18.10 12.87 -15.65
CA GLN B 16 19.14 12.24 -14.77
C GLN B 16 19.12 10.72 -14.93
N SER B 17 20.06 10.07 -14.25
CA SER B 17 20.07 8.61 -14.09
C SER B 17 19.51 8.30 -12.70
N VAL B 18 18.75 7.24 -12.54
CA VAL B 18 18.23 6.84 -11.23
C VAL B 18 18.38 5.32 -10.99
N THR B 19 18.76 5.06 -9.72
CA THR B 19 19.02 3.73 -9.22
C THR B 19 17.95 3.36 -8.18
N ILE B 20 17.46 2.17 -8.47
CA ILE B 20 16.49 1.47 -7.59
C ILE B 20 17.31 0.30 -7.04
N SER B 21 17.02 -0.01 -5.81
CA SER B 21 17.69 -1.08 -5.09
C SER B 21 16.59 -2.08 -4.69
N CYS B 22 17.09 -3.24 -4.48
CA CYS B 22 16.26 -4.35 -3.88
C CYS B 22 17.31 -5.07 -3.02
N THR B 23 17.09 -5.01 -1.74
CA THR B 23 17.99 -5.55 -0.71
C THR B 23 17.24 -6.71 -0.06
N GLY B 24 17.86 -7.87 -0.19
CA GLY B 24 17.19 -9.13 0.21
C GLY B 24 17.91 -9.66 1.44
N THR B 25 17.47 -10.81 1.90
CA THR B 25 17.93 -11.34 3.18
C THR B 25 18.52 -12.73 3.02
N SER B 26 19.79 -12.73 2.60
CA SER B 26 20.41 -14.04 2.23
C SER B 26 19.32 -14.65 1.33
N SER B 27 18.71 -15.71 1.83
CA SER B 27 17.64 -16.42 1.09
C SER B 27 16.91 -15.39 0.24
N ASP B 28 17.01 -15.62 -1.06
CA ASP B 28 16.41 -14.72 -2.06
C ASP B 28 17.07 -13.35 -1.91
N VAL B 29 17.64 -12.93 -3.03
CA VAL B 29 18.60 -11.80 -3.05
C VAL B 29 19.46 -11.91 -1.79
N GLY B 30 20.50 -12.71 -2.02
CA GLY B 30 21.53 -13.06 -1.06
C GLY B 30 22.31 -14.25 -1.65
N GLY B 31 23.22 -13.94 -2.55
CA GLY B 31 24.10 -14.90 -3.17
C GLY B 31 23.48 -15.75 -4.26
N TYR B 32 22.23 -15.49 -4.62
CA TYR B 32 21.48 -16.30 -5.59
C TYR B 32 20.66 -15.49 -6.59
N ASN B 33 20.84 -15.80 -7.86
CA ASN B 33 20.52 -15.03 -9.02
C ASN B 33 19.27 -14.96 -9.82
N TYR B 34 18.09 -15.47 -9.55
CA TYR B 34 16.92 -15.24 -10.44
C TYR B 34 16.25 -13.91 -10.10
N VAL B 35 17.11 -12.89 -10.17
CA VAL B 35 16.72 -11.52 -9.77
C VAL B 35 16.24 -10.84 -11.05
N SER B 36 14.97 -10.47 -10.97
CA SER B 36 14.31 -9.93 -12.21
C SER B 36 13.52 -8.71 -11.80
N TRP B 37 13.41 -7.79 -12.74
CA TRP B 37 12.76 -6.50 -12.56
C TRP B 37 11.59 -6.37 -13.55
N TYR B 38 10.52 -5.81 -13.04
CA TYR B 38 9.30 -5.56 -13.78
C TYR B 38 8.93 -4.06 -13.62
N GLN B 39 8.35 -3.60 -14.69
CA GLN B 39 7.87 -2.22 -14.81
C GLN B 39 6.34 -2.34 -14.81
N GLN B 40 5.76 -1.54 -13.96
CA GLN B 40 4.33 -1.50 -13.69
C GLN B 40 3.83 -0.08 -13.92
N HIS B 41 3.57 0.19 -15.20
CA HIS B 41 2.94 1.44 -15.60
C HIS B 41 1.56 1.54 -14.94
N ALA B 42 1.26 2.77 -14.58
CA ALA B 42 0.04 3.17 -13.93
C ALA B 42 -1.21 2.57 -14.57
N GLY B 43 -1.63 1.47 -13.99
CA GLY B 43 -2.89 0.82 -14.34
C GLY B 43 -2.74 -0.34 -15.30
N LYS B 44 -1.63 -0.36 -16.04
CA LYS B 44 -1.42 -1.50 -17.00
C LYS B 44 -0.85 -2.67 -16.24
N ALA B 45 -0.31 -3.68 -16.89
CA ALA B 45 0.25 -4.87 -16.22
C ALA B 45 1.77 -4.81 -16.17
N PRO B 46 2.37 -5.74 -15.44
CA PRO B 46 3.85 -5.80 -15.35
C PRO B 46 4.42 -6.15 -16.72
N LYS B 47 5.59 -5.61 -16.98
CA LYS B 47 6.41 -5.99 -18.17
C LYS B 47 7.76 -6.31 -17.51
N VAL B 48 8.23 -7.51 -17.66
CA VAL B 48 9.60 -7.80 -17.14
C VAL B 48 10.54 -7.03 -18.08
N ILE B 49 11.51 -6.32 -17.50
CA ILE B 49 12.46 -5.55 -18.29
C ILE B 49 13.87 -6.08 -18.14
N ILE B 50 14.18 -6.68 -17.01
CA ILE B 50 15.51 -7.29 -16.81
C ILE B 50 15.31 -8.66 -16.15
N TYR B 51 15.70 -9.67 -16.90
CA TYR B 51 15.74 -11.05 -16.40
C TYR B 51 17.21 -11.39 -16.09
N GLU B 52 17.35 -12.15 -15.02
CA GLU B 52 18.66 -12.65 -14.57
C GLU B 52 19.65 -11.52 -14.40
N VAL B 53 19.53 -10.89 -13.25
CA VAL B 53 20.28 -9.78 -12.72
C VAL B 53 20.64 -8.68 -13.69
N ASN B 54 21.23 -8.98 -14.83
CA ASN B 54 21.59 -7.95 -15.80
C ASN B 54 21.10 -8.20 -17.21
N LYS B 55 20.42 -9.29 -17.49
CA LYS B 55 20.01 -9.55 -18.92
C LYS B 55 18.71 -8.81 -19.16
N ARG B 56 18.48 -8.26 -20.33
CA ARG B 56 17.17 -7.63 -20.63
C ARG B 56 16.49 -8.37 -21.79
N PRO B 57 15.19 -8.54 -21.62
CA PRO B 57 14.32 -9.08 -22.66
C PRO B 57 14.18 -8.24 -23.91
N SER B 58 13.87 -9.00 -24.96
CA SER B 58 13.58 -8.50 -26.31
C SER B 58 12.65 -7.28 -26.18
N GLY B 59 13.10 -6.16 -26.69
CA GLY B 59 12.23 -4.98 -26.84
C GLY B 59 12.33 -3.96 -25.72
N VAL B 60 13.28 -4.20 -24.81
CA VAL B 60 13.57 -3.24 -23.71
C VAL B 60 14.74 -2.37 -24.11
N PRO B 61 14.75 -1.11 -23.68
CA PRO B 61 15.77 -0.14 -24.10
C PRO B 61 17.00 0.01 -23.24
N ASP B 62 18.15 -0.21 -23.83
CA ASP B 62 19.51 -0.07 -23.39
C ASP B 62 19.83 0.80 -22.19
N ARG B 63 19.04 1.82 -21.94
CA ARG B 63 19.21 2.72 -20.79
C ARG B 63 18.77 2.07 -19.47
N PHE B 64 18.21 0.88 -19.58
CA PHE B 64 17.87 0.04 -18.42
C PHE B 64 19.04 -0.93 -18.19
N SER B 65 19.49 -0.98 -16.93
CA SER B 65 20.54 -2.00 -16.61
C SER B 65 20.37 -2.53 -15.20
N GLY B 66 20.75 -3.79 -15.02
CA GLY B 66 20.68 -4.48 -13.74
C GLY B 66 22.03 -4.91 -13.21
N SER B 67 22.09 -5.09 -11.89
CA SER B 67 23.36 -5.44 -11.19
C SER B 67 23.06 -6.06 -9.84
N LYS B 68 23.92 -6.88 -9.26
CA LYS B 68 23.70 -7.43 -7.91
C LYS B 68 24.93 -7.69 -7.08
N SER B 69 25.29 -6.76 -6.21
CA SER B 69 26.38 -7.01 -5.23
C SER B 69 25.75 -7.64 -3.98
N GLY B 70 26.06 -8.90 -3.79
CA GLY B 70 25.75 -9.64 -2.58
C GLY B 70 24.29 -9.65 -2.23
N ASN B 71 23.90 -8.81 -1.28
CA ASN B 71 22.51 -8.75 -0.83
C ASN B 71 21.67 -7.64 -1.43
N THR B 72 22.15 -6.99 -2.48
CA THR B 72 21.39 -5.94 -3.15
C THR B 72 21.52 -6.07 -4.68
N ALA B 73 20.36 -6.01 -5.31
CA ALA B 73 20.27 -5.85 -6.76
C ALA B 73 19.87 -4.39 -7.02
N SER B 74 20.21 -3.95 -8.21
CA SER B 74 20.06 -2.57 -8.65
C SER B 74 19.52 -2.57 -10.08
N LEU B 75 18.73 -1.56 -10.36
CA LEU B 75 18.36 -1.23 -11.75
C LEU B 75 18.73 0.26 -11.88
N THR B 76 19.26 0.61 -13.03
CA THR B 76 19.57 2.03 -13.30
C THR B 76 18.96 2.44 -14.64
N VAL B 77 18.13 3.45 -14.52
CA VAL B 77 17.58 4.14 -15.72
C VAL B 77 18.56 5.28 -15.98
N SER B 78 19.22 5.18 -17.11
CA SER B 78 20.25 6.19 -17.49
C SER B 78 19.66 7.03 -18.62
N GLY B 79 19.07 8.15 -18.26
CA GLY B 79 18.46 9.07 -19.25
C GLY B 79 16.95 9.10 -19.02
N LEU B 80 16.59 9.58 -17.84
CA LEU B 80 15.20 9.46 -17.38
C LEU B 80 14.27 10.27 -18.24
N GLN B 81 13.33 9.51 -18.80
CA GLN B 81 12.25 9.95 -19.66
C GLN B 81 10.91 9.96 -18.94
N ALA B 82 9.96 10.67 -19.55
CA ALA B 82 8.60 10.80 -19.00
C ALA B 82 8.00 9.42 -18.79
N GLU B 83 8.00 8.62 -19.85
CA GLU B 83 7.45 7.27 -19.85
C GLU B 83 8.27 6.31 -19.01
N ASP B 84 9.14 6.85 -18.15
CA ASP B 84 9.89 5.93 -17.25
C ASP B 84 9.20 5.97 -15.89
N GLU B 85 8.27 6.92 -15.79
CA GLU B 85 7.34 6.92 -14.65
C GLU B 85 6.52 5.63 -14.70
N ALA B 86 6.65 4.87 -13.65
CA ALA B 86 5.97 3.62 -13.38
C ALA B 86 6.44 3.18 -11.98
N ASP B 87 5.95 2.02 -11.57
CA ASP B 87 6.47 1.40 -10.34
C ASP B 87 7.35 0.22 -10.82
N TYR B 88 8.44 0.05 -10.13
CA TYR B 88 9.31 -1.11 -10.44
C TYR B 88 9.25 -2.07 -9.26
N TYR B 89 9.48 -3.34 -9.63
CA TYR B 89 9.39 -4.48 -8.73
C TYR B 89 10.55 -5.45 -9.08
N CYS B 90 11.17 -5.92 -8.02
CA CYS B 90 12.24 -6.92 -8.15
C CYS B 90 11.60 -8.24 -7.68
N SER B 91 12.36 -9.29 -7.89
CA SER B 91 11.95 -10.62 -7.37
C SER B 91 13.10 -11.61 -7.57
N SER B 92 12.91 -12.73 -6.91
CA SER B 92 13.94 -13.78 -6.79
C SER B 92 13.25 -15.14 -6.85
N TYR B 93 13.66 -15.97 -7.80
CA TYR B 93 13.16 -17.34 -7.90
C TYR B 93 14.10 -18.26 -7.12
N GLU B 94 13.76 -18.47 -5.87
CA GLU B 94 14.41 -19.44 -4.98
C GLU B 94 14.64 -20.77 -5.70
N GLY B 95 14.19 -21.88 -5.11
CA GLY B 95 14.11 -23.15 -5.83
C GLY B 95 12.84 -23.87 -5.46
N SER B 96 11.69 -23.35 -5.86
CA SER B 96 10.42 -24.06 -5.56
C SER B 96 9.22 -23.25 -6.00
N ASP B 97 8.11 -23.52 -5.35
CA ASP B 97 6.86 -22.78 -5.55
C ASP B 97 6.98 -21.30 -5.19
N ASN B 98 7.71 -20.94 -4.13
CA ASN B 98 7.60 -19.55 -3.67
C ASN B 98 8.77 -18.63 -4.00
N PHE B 99 8.58 -18.10 -5.20
CA PHE B 99 9.32 -16.98 -5.80
C PHE B 99 8.93 -15.78 -4.94
N VAL B 100 9.93 -14.99 -4.58
CA VAL B 100 9.64 -13.83 -3.70
C VAL B 100 9.66 -12.56 -4.54
N PHE B 101 8.75 -11.67 -4.18
CA PHE B 101 8.60 -10.35 -4.83
C PHE B 101 9.05 -9.25 -3.86
N GLY B 102 9.49 -8.15 -4.44
CA GLY B 102 9.96 -7.01 -3.63
C GLY B 102 8.81 -6.05 -3.36
N THR B 103 9.13 -4.96 -2.69
CA THR B 103 8.14 -4.00 -2.22
C THR B 103 7.55 -3.02 -3.19
N GLY B 104 8.26 -2.60 -4.22
CA GLY B 104 7.74 -1.63 -5.21
C GLY B 104 8.43 -0.29 -5.01
N THR B 105 8.66 0.41 -6.12
CA THR B 105 9.33 1.72 -6.10
C THR B 105 8.65 2.61 -7.14
N LYS B 106 8.07 3.68 -6.66
CA LYS B 106 7.40 4.67 -7.53
C LYS B 106 8.55 5.51 -8.09
N VAL B 107 8.84 5.30 -9.38
CA VAL B 107 9.82 6.21 -10.02
C VAL B 107 9.06 7.45 -10.51
N THR B 108 9.51 8.61 -10.04
CA THR B 108 8.78 9.86 -10.33
C THR B 108 9.64 10.88 -11.03
N VAL B 109 9.17 11.36 -12.18
CA VAL B 109 9.82 12.53 -12.83
C VAL B 109 9.26 13.75 -12.06
N LEU B 110 10.16 14.55 -11.52
CA LEU B 110 9.78 15.57 -10.55
C LEU B 110 9.13 16.79 -11.23
N GLY B 111 7.93 17.09 -10.75
CA GLY B 111 7.16 18.23 -11.15
C GLY B 111 7.10 19.36 -10.15
N GLN B 112 7.53 19.18 -8.93
CA GLN B 112 7.68 20.26 -7.94
C GLN B 112 8.95 19.95 -7.14
N PRO B 113 9.26 20.82 -6.20
CA PRO B 113 10.30 20.52 -5.20
C PRO B 113 9.93 19.26 -4.43
N LYS B 114 10.97 18.60 -3.94
CA LYS B 114 10.80 17.43 -3.09
C LYS B 114 10.37 17.91 -1.70
N ALA B 115 9.51 17.12 -1.12
CA ALA B 115 8.97 17.38 0.21
C ALA B 115 9.21 16.08 1.00
N ASN B 116 9.79 16.29 2.14
CA ASN B 116 10.00 15.20 3.13
C ASN B 116 8.89 15.41 4.17
N PRO B 117 8.26 14.30 4.53
CA PRO B 117 6.98 14.33 5.24
C PRO B 117 7.08 15.02 6.59
N THR B 118 5.93 15.54 7.00
CA THR B 118 5.72 15.99 8.40
C THR B 118 4.96 14.84 9.09
N VAL B 119 5.75 14.00 9.76
CA VAL B 119 5.23 12.91 10.58
C VAL B 119 4.72 13.51 11.90
N THR B 120 3.47 13.22 12.18
CA THR B 120 2.84 13.60 13.46
C THR B 120 2.33 12.29 14.05
N LEU B 121 2.65 11.99 15.29
CA LEU B 121 2.09 10.78 15.93
C LEU B 121 1.15 11.17 17.07
N PHE B 122 0.02 10.50 17.15
CA PHE B 122 -1.02 10.73 18.16
C PHE B 122 -1.20 9.52 19.10
N PRO B 123 -1.32 9.83 20.37
CA PRO B 123 -1.63 8.83 21.41
C PRO B 123 -3.12 8.52 21.42
N PRO B 124 -3.45 7.37 21.98
CA PRO B 124 -4.86 7.03 22.28
C PRO B 124 -5.35 8.04 23.31
N SER B 125 -6.41 8.73 22.92
CA SER B 125 -7.08 9.69 23.81
C SER B 125 -7.65 9.01 25.07
N SER B 126 -7.91 9.86 26.04
CA SER B 126 -8.53 9.48 27.31
C SER B 126 -9.98 9.07 27.15
N GLU B 127 -10.77 9.74 26.33
CA GLU B 127 -12.14 9.32 26.04
C GLU B 127 -12.18 7.92 25.44
N GLU B 128 -11.24 7.68 24.53
CA GLU B 128 -11.20 6.37 23.82
C GLU B 128 -10.82 5.29 24.82
N LEU B 129 -9.86 5.69 25.66
CA LEU B 129 -9.45 4.76 26.75
C LEU B 129 -10.68 4.49 27.61
N GLN B 130 -11.56 5.51 27.68
CA GLN B 130 -12.82 5.42 28.41
C GLN B 130 -13.60 4.18 27.92
N ALA B 131 -13.93 4.25 26.64
CA ALA B 131 -14.59 3.07 26.02
C ALA B 131 -13.75 1.83 26.06
N ASN B 132 -12.56 1.84 26.64
CA ASN B 132 -11.76 0.56 26.69
C ASN B 132 -11.35 0.16 25.28
N LYS B 133 -10.80 1.12 24.57
CA LYS B 133 -10.23 0.97 23.22
C LYS B 133 -8.95 1.80 23.14
N ALA B 134 -7.95 1.35 22.37
CA ALA B 134 -6.82 2.29 22.14
C ALA B 134 -6.33 2.25 20.71
N THR B 135 -6.43 3.36 19.99
CA THR B 135 -5.91 3.54 18.65
C THR B 135 -4.94 4.72 18.57
N LEU B 136 -3.76 4.44 18.04
CA LEU B 136 -2.71 5.41 17.73
C LEU B 136 -2.80 5.77 16.22
N VAL B 137 -2.45 7.01 15.88
CA VAL B 137 -2.40 7.40 14.46
C VAL B 137 -1.15 8.19 14.09
N CYS B 138 -0.60 7.81 12.95
CA CYS B 138 0.63 8.44 12.40
C CYS B 138 0.12 9.18 11.16
N LEU B 139 0.04 10.48 11.30
CA LEU B 139 -0.38 11.33 10.18
C LEU B 139 0.95 11.64 9.44
N ILE B 140 0.95 11.32 8.18
CA ILE B 140 2.12 11.65 7.35
C ILE B 140 1.59 12.62 6.28
N SER B 141 2.11 13.86 6.32
CA SER B 141 1.60 14.80 5.27
C SER B 141 2.67 15.68 4.68
N ASP B 142 2.22 16.43 3.65
CA ASP B 142 3.04 17.44 2.99
C ASP B 142 4.37 16.89 2.48
N PHE B 143 4.26 15.89 1.65
CA PHE B 143 5.41 15.19 1.06
C PHE B 143 5.22 15.05 -0.45
N TYR B 144 6.36 14.84 -1.10
CA TYR B 144 6.37 14.64 -2.58
C TYR B 144 7.75 14.18 -3.00
N PRO B 145 7.89 13.13 -3.81
CA PRO B 145 6.88 12.30 -4.40
C PRO B 145 5.95 11.63 -3.43
N GLY B 146 4.87 11.06 -3.94
CA GLY B 146 3.79 10.51 -3.12
C GLY B 146 3.96 9.02 -2.95
N ALA B 147 4.91 8.67 -2.12
CA ALA B 147 5.23 7.27 -1.77
C ALA B 147 6.14 7.32 -0.56
N VAL B 148 5.83 6.51 0.42
CA VAL B 148 6.60 6.47 1.68
C VAL B 148 6.51 5.04 2.19
N THR B 149 7.37 4.73 3.11
CA THR B 149 7.27 3.45 3.86
C THR B 149 6.93 3.84 5.29
N VAL B 150 5.87 3.25 5.81
CA VAL B 150 5.63 3.38 7.27
C VAL B 150 6.22 2.11 7.90
N ALA B 151 6.44 2.17 9.19
CA ALA B 151 6.91 1.03 9.99
C ALA B 151 6.53 1.32 11.44
N TRP B 152 6.27 0.29 12.20
CA TRP B 152 5.93 0.46 13.62
C TRP B 152 6.93 -0.27 14.50
N LYS B 153 7.01 0.22 15.76
CA LYS B 153 7.95 -0.37 16.73
C LYS B 153 7.30 -0.26 18.12
N ALA B 154 7.05 -1.38 18.75
CA ALA B 154 6.62 -1.41 20.15
C ALA B 154 7.87 -1.49 21.03
N ASP B 155 8.05 -0.44 21.78
CA ASP B 155 9.05 -0.33 22.84
C ASP B 155 10.43 -0.73 22.35
N GLY B 156 10.70 -0.36 21.10
CA GLY B 156 11.95 -0.69 20.42
C GLY B 156 11.82 -1.78 19.39
N SER B 157 11.07 -2.83 19.68
CA SER B 157 10.91 -4.00 18.80
C SER B 157 9.79 -3.81 17.79
N PRO B 158 10.10 -4.12 16.54
CA PRO B 158 9.21 -3.84 15.40
C PRO B 158 7.88 -4.55 15.56
N VAL B 159 6.84 -3.92 15.01
CA VAL B 159 5.47 -4.42 15.21
C VAL B 159 4.71 -4.56 13.91
N LYS B 160 4.23 -5.78 13.67
CA LYS B 160 3.45 -6.19 12.52
C LYS B 160 1.94 -6.14 12.71
N ALA B 161 1.50 -6.51 13.90
CA ALA B 161 0.11 -6.76 14.23
C ALA B 161 -0.89 -5.69 13.87
N GLY B 162 -1.36 -4.92 14.84
CA GLY B 162 -2.58 -4.12 14.66
C GLY B 162 -2.47 -2.95 13.72
N VAL B 163 -1.82 -3.09 12.56
CA VAL B 163 -1.46 -1.94 11.74
C VAL B 163 -2.10 -1.85 10.36
N GLU B 164 -2.50 -0.61 9.99
CA GLU B 164 -2.91 -0.33 8.60
C GLU B 164 -2.38 1.04 8.15
N THR B 165 -1.98 1.11 6.89
CA THR B 165 -1.48 2.32 6.25
C THR B 165 -2.22 2.60 4.94
N THR B 166 -2.59 3.85 4.76
CA THR B 166 -3.34 4.29 3.56
C THR B 166 -2.38 4.60 2.42
N LYS B 167 -2.94 4.67 1.23
CA LYS B 167 -2.21 5.09 0.02
C LYS B 167 -2.06 6.61 0.13
N PRO B 168 -0.96 7.11 -0.36
CA PRO B 168 -0.76 8.55 -0.52
C PRO B 168 -1.94 9.14 -1.28
N SER B 169 -2.56 10.12 -0.66
CA SER B 169 -3.64 10.93 -1.22
C SER B 169 -3.25 12.41 -1.25
N LYS B 170 -2.97 12.81 -2.47
CA LYS B 170 -2.58 14.16 -2.85
C LYS B 170 -3.59 15.16 -2.32
N GLN B 171 -3.09 16.09 -1.53
CA GLN B 171 -3.88 17.13 -0.89
C GLN B 171 -4.27 18.14 -1.96
N SER B 172 -4.88 19.22 -1.51
CA SER B 172 -5.24 20.35 -2.36
C SER B 172 -3.99 21.08 -2.83
N ASN B 173 -2.91 20.89 -2.10
CA ASN B 173 -1.64 21.55 -2.42
C ASN B 173 -0.71 20.61 -3.17
N ASN B 174 -1.25 19.51 -3.64
CA ASN B 174 -0.52 18.58 -4.52
C ASN B 174 0.67 17.94 -3.82
N LYS B 175 0.89 18.33 -2.58
CA LYS B 175 1.74 17.52 -1.66
C LYS B 175 0.80 16.47 -1.09
N TYR B 176 1.29 15.36 -0.56
CA TYR B 176 0.48 14.24 -0.16
C TYR B 176 0.31 13.98 1.34
N ALA B 177 -0.87 13.35 1.59
CA ALA B 177 -1.19 12.87 2.94
C ALA B 177 -1.30 11.35 2.87
N ALA B 178 -1.06 10.74 3.98
CA ALA B 178 -1.20 9.28 4.18
C ALA B 178 -1.24 9.09 5.70
N SER B 179 -1.83 8.04 6.19
CA SER B 179 -1.83 7.79 7.63
C SER B 179 -1.80 6.28 7.89
N SER B 180 -1.43 6.00 9.12
CA SER B 180 -1.20 4.59 9.53
C SER B 180 -1.70 4.50 10.98
N TYR B 181 -2.19 3.35 11.38
CA TYR B 181 -2.77 3.19 12.70
C TYR B 181 -2.59 1.79 13.28
N LEU B 182 -2.65 1.91 14.61
CA LEU B 182 -2.41 0.71 15.46
C LEU B 182 -3.53 0.74 16.50
N SER B 183 -4.29 -0.31 16.53
CA SER B 183 -5.40 -0.46 17.49
C SER B 183 -4.94 -1.53 18.47
N LEU B 184 -5.25 -1.37 19.73
CA LEU B 184 -4.86 -2.32 20.75
C LEU B 184 -5.73 -2.27 22.01
N THR B 185 -5.43 -3.29 22.85
CA THR B 185 -5.92 -3.35 24.23
C THR B 185 -5.20 -2.23 25.00
N PRO B 186 -5.98 -1.59 25.86
CA PRO B 186 -5.46 -0.55 26.75
C PRO B 186 -4.30 -1.07 27.56
N GLU B 187 -4.40 -2.34 27.96
CA GLU B 187 -3.33 -2.99 28.72
C GLU B 187 -2.13 -3.13 27.77
N GLN B 188 -2.38 -3.51 26.54
CA GLN B 188 -1.30 -3.53 25.53
C GLN B 188 -0.56 -2.18 25.54
N TRP B 189 -1.38 -1.14 25.57
CA TRP B 189 -0.88 0.25 25.66
C TRP B 189 -0.04 0.41 26.91
N LYS B 190 -0.53 -0.03 28.06
CA LYS B 190 0.32 -0.02 29.27
C LYS B 190 1.36 -1.10 29.40
N SER B 191 1.49 -2.04 28.50
CA SER B 191 2.46 -3.12 28.55
C SER B 191 3.81 -2.66 28.01
N HIS B 192 3.85 -1.44 27.50
CA HIS B 192 5.06 -0.86 26.91
C HIS B 192 5.41 0.55 27.36
N ARG B 193 6.72 0.82 27.32
CA ARG B 193 7.30 2.12 27.60
C ARG B 193 6.99 3.12 26.50
N SER B 194 7.03 2.70 25.25
CA SER B 194 7.02 3.63 24.10
C SER B 194 6.60 2.97 22.80
N TYR B 195 6.10 3.77 21.86
CA TYR B 195 5.73 3.30 20.52
C TYR B 195 6.28 4.29 19.50
N SER B 196 6.67 3.73 18.36
CA SER B 196 7.27 4.55 17.30
C SER B 196 6.56 4.33 15.97
N CYS B 197 6.22 5.45 15.34
CA CYS B 197 5.85 5.47 13.93
C CYS B 197 7.13 5.90 13.19
N GLN B 198 7.62 5.02 12.33
CA GLN B 198 8.88 5.23 11.61
C GLN B 198 8.62 5.24 10.11
N VAL B 199 8.82 6.37 9.44
CA VAL B 199 8.58 6.53 8.01
C VAL B 199 9.82 6.79 7.17
N THR B 200 9.93 6.11 6.04
CA THR B 200 10.99 6.25 5.06
C THR B 200 10.45 7.06 3.88
N HIS B 201 11.19 8.09 3.53
CA HIS B 201 10.85 8.88 2.33
C HIS B 201 12.18 9.36 1.73
N GLU B 202 12.42 8.90 0.53
CA GLU B 202 13.66 9.12 -0.21
C GLU B 202 14.90 9.16 0.64
N GLY B 203 15.49 10.31 0.86
CA GLY B 203 16.73 10.44 1.62
C GLY B 203 16.60 10.35 3.11
N SER B 204 15.40 10.60 3.64
CA SER B 204 15.19 10.77 5.07
C SER B 204 14.11 9.86 5.62
N THR B 205 14.54 9.10 6.63
CA THR B 205 13.61 8.35 7.50
C THR B 205 13.32 9.24 8.71
N VAL B 206 12.15 9.18 9.27
CA VAL B 206 11.77 9.97 10.44
C VAL B 206 10.93 9.02 11.32
N GLU B 207 11.34 9.00 12.56
CA GLU B 207 10.75 8.10 13.56
C GLU B 207 10.37 8.95 14.77
N LYS B 208 9.08 8.90 15.02
CA LYS B 208 8.40 9.65 16.09
C LYS B 208 7.96 8.67 17.19
N THR B 209 7.87 9.14 18.41
CA THR B 209 7.68 8.25 19.57
C THR B 209 6.68 8.70 20.61
N VAL B 210 5.69 7.87 20.94
CA VAL B 210 4.70 8.09 22.00
C VAL B 210 4.95 7.23 23.24
N ALA B 211 4.31 7.64 24.34
CA ALA B 211 4.37 6.90 25.61
C ALA B 211 3.13 7.08 26.48
N PRO B 212 2.72 6.00 27.14
CA PRO B 212 1.63 5.99 28.11
C PRO B 212 1.86 6.81 29.36
N THR B 213 0.92 7.67 29.74
CA THR B 213 0.96 8.36 31.05
C THR B 213 -0.22 7.99 31.92
N GLU B 214 -0.87 8.95 32.57
CA GLU B 214 -2.03 8.66 33.43
C GLU B 214 -2.91 9.83 33.77
N CYS B 215 -3.28 10.66 32.82
CA CYS B 215 -3.99 11.91 33.03
C CYS B 215 -5.35 11.85 33.69
N SER B 216 -6.12 10.80 33.47
CA SER B 216 -7.44 10.62 34.07
C SER B 216 -7.89 9.15 33.82
N GLN C 2 9.01 -16.44 -12.13
CA GLN C 2 9.75 -17.43 -11.39
C GLN C 2 10.82 -18.11 -12.26
#